data_2L4U
#
_entry.id   2L4U
#
_entity_poly.entity_id   1
_entity_poly.type   'polypeptide(L)'
_entity_poly.pdbx_seq_one_letter_code
;PLSRGKKWTEKLARFQRSSAKKKR
;
_entity_poly.pdbx_strand_id   A
#
# COMPACT_ATOMS: atom_id res chain seq x y z
N PRO A 1 13.54 4.36 -6.35
CA PRO A 1 12.39 5.23 -6.01
C PRO A 1 11.06 4.58 -6.41
N LEU A 2 10.72 4.65 -7.69
CA LEU A 2 9.48 4.08 -8.20
C LEU A 2 9.73 2.78 -8.94
N SER A 3 10.88 2.19 -8.71
CA SER A 3 11.21 0.91 -9.33
C SER A 3 10.43 -0.17 -8.61
N ARG A 4 9.45 0.30 -7.86
CA ARG A 4 8.59 -0.53 -7.05
C ARG A 4 7.17 -0.54 -7.59
N GLY A 5 6.79 0.60 -8.16
CA GLY A 5 5.45 0.75 -8.67
C GLY A 5 4.53 1.17 -7.55
N LYS A 6 4.95 2.19 -6.80
CA LYS A 6 4.16 2.69 -5.67
C LYS A 6 2.78 3.10 -6.11
N LYS A 7 2.58 3.22 -7.41
CA LYS A 7 1.26 3.54 -7.93
C LYS A 7 0.27 2.58 -7.32
N TRP A 8 0.82 1.45 -6.91
CA TRP A 8 0.06 0.38 -6.26
C TRP A 8 -0.24 0.78 -4.85
N THR A 9 0.76 1.40 -4.23
CA THR A 9 0.67 1.87 -2.86
C THR A 9 -0.58 2.70 -2.74
N GLU A 10 -0.94 3.30 -3.84
CA GLU A 10 -2.14 4.09 -3.95
C GLU A 10 -3.31 3.27 -3.44
N LYS A 11 -3.25 1.98 -3.74
CA LYS A 11 -4.26 1.03 -3.34
C LYS A 11 -4.12 0.67 -1.90
N LEU A 12 -2.92 0.76 -1.41
CA LEU A 12 -2.67 0.44 -0.02
C LEU A 12 -2.74 1.71 0.74
N ALA A 13 -2.38 2.77 0.05
CA ALA A 13 -2.53 4.06 0.61
C ALA A 13 -4.00 4.18 0.92
N ARG A 14 -4.78 3.27 0.29
CA ARG A 14 -6.21 3.23 0.49
C ARG A 14 -6.63 1.93 1.17
N PHE A 15 -5.76 0.92 1.18
CA PHE A 15 -6.13 -0.36 1.77
C PHE A 15 -5.23 -0.75 2.94
N GLN A 16 -3.96 -0.43 2.84
CA GLN A 16 -3.03 -0.71 3.92
C GLN A 16 -3.54 -0.10 5.23
N ARG A 17 -4.49 0.82 5.11
CA ARG A 17 -5.12 1.50 6.24
C ARG A 17 -5.27 0.56 7.42
N SER A 18 -5.55 -0.69 7.11
CA SER A 18 -5.72 -1.74 8.10
C SER A 18 -4.73 -1.58 9.24
N SER A 19 -3.55 -1.11 8.87
CA SER A 19 -2.47 -0.90 9.82
C SER A 19 -1.94 0.53 9.73
N ALA A 20 -2.26 1.20 8.63
CA ALA A 20 -1.82 2.57 8.42
C ALA A 20 -2.28 3.48 9.55
N LYS A 21 -3.45 3.18 10.09
CA LYS A 21 -4.01 3.92 11.19
C LYS A 21 -4.37 2.96 12.31
N LYS A 22 -3.35 2.39 12.88
CA LYS A 22 -3.47 1.43 13.97
C LYS A 22 -3.94 2.10 15.26
N LYS A 23 -3.84 3.42 15.31
CA LYS A 23 -4.27 4.17 16.48
C LYS A 23 -5.05 5.41 16.08
N ARG A 24 -6.13 5.20 15.33
CA ARG A 24 -6.97 6.28 14.87
C ARG A 24 -8.34 6.21 15.54
N PRO A 1 6.11 1.81 -14.74
CA PRO A 1 5.44 2.98 -14.11
C PRO A 1 6.46 3.96 -13.52
N LEU A 2 6.97 3.64 -12.32
CA LEU A 2 7.95 4.48 -11.66
C LEU A 2 9.24 3.68 -11.43
N SER A 3 9.63 3.49 -10.18
CA SER A 3 10.82 2.72 -9.86
C SER A 3 10.52 1.75 -8.73
N ARG A 4 9.42 2.03 -8.02
CA ARG A 4 8.99 1.22 -6.90
C ARG A 4 7.66 0.56 -7.17
N GLY A 5 6.82 1.28 -7.87
CA GLY A 5 5.50 0.81 -8.17
C GLY A 5 4.51 1.32 -7.16
N LYS A 6 4.73 2.54 -6.68
CA LYS A 6 3.85 3.14 -5.69
C LYS A 6 2.43 3.22 -6.19
N LYS A 7 2.25 3.05 -7.49
CA LYS A 7 0.92 3.02 -8.07
C LYS A 7 0.11 2.00 -7.30
N TRP A 8 0.84 1.10 -6.68
CA TRP A 8 0.28 0.03 -5.85
C TRP A 8 -0.18 0.64 -4.55
N THR A 9 0.62 1.55 -4.06
CA THR A 9 0.36 2.24 -2.83
C THR A 9 -0.86 3.09 -2.99
N GLU A 10 -1.03 3.59 -4.16
CA GLU A 10 -2.17 4.38 -4.46
C GLU A 10 -3.43 3.62 -4.11
N LYS A 11 -3.49 2.43 -4.63
CA LYS A 11 -4.61 1.54 -4.44
C LYS A 11 -4.44 0.64 -3.27
N LEU A 12 -3.21 0.31 -3.02
CA LEU A 12 -2.91 -0.61 -1.99
C LEU A 12 -2.40 0.08 -0.75
N ALA A 13 -1.93 1.31 -0.90
CA ALA A 13 -1.51 2.06 0.29
C ALA A 13 -2.73 2.73 0.84
N ARG A 14 -3.77 2.75 0.01
CA ARG A 14 -5.03 3.29 0.42
C ARG A 14 -5.72 2.24 1.27
N PHE A 15 -5.26 1.01 1.08
CA PHE A 15 -5.83 -0.13 1.76
C PHE A 15 -4.85 -0.76 2.73
N GLN A 16 -3.59 -0.35 2.62
CA GLN A 16 -2.52 -0.85 3.48
C GLN A 16 -2.84 -0.61 4.96
N ARG A 17 -4.01 -0.04 5.23
CA ARG A 17 -4.47 0.23 6.58
C ARG A 17 -4.24 -0.97 7.50
N SER A 18 -4.74 -2.10 7.06
CA SER A 18 -4.61 -3.34 7.82
C SER A 18 -3.43 -4.16 7.35
N SER A 19 -2.76 -3.68 6.30
CA SER A 19 -1.60 -4.37 5.77
C SER A 19 -0.52 -4.54 6.83
N ALA A 20 -0.72 -3.88 7.97
CA ALA A 20 0.23 -3.94 9.08
C ALA A 20 0.53 -5.38 9.47
N LYS A 21 -0.47 -6.23 9.35
CA LYS A 21 -0.33 -7.64 9.67
C LYS A 21 -0.80 -8.47 8.48
N LYS A 22 -0.03 -8.37 7.44
CA LYS A 22 -0.31 -9.09 6.20
C LYS A 22 0.78 -10.12 5.89
N LYS A 23 1.92 -9.98 6.57
CA LYS A 23 3.03 -10.89 6.38
C LYS A 23 3.64 -11.28 7.72
N ARG A 24 2.81 -11.82 8.59
CA ARG A 24 3.25 -12.23 9.93
C ARG A 24 2.72 -13.62 10.27
N PRO A 1 5.03 3.19 -15.08
CA PRO A 1 4.67 4.40 -14.27
C PRO A 1 5.90 5.10 -13.73
N LEU A 2 6.48 4.55 -12.67
CA LEU A 2 7.67 5.11 -12.06
C LEU A 2 8.85 4.15 -12.22
N SER A 3 9.39 3.63 -11.11
CA SER A 3 10.49 2.69 -11.17
C SER A 3 10.22 1.53 -10.22
N ARG A 4 9.24 1.72 -9.35
CA ARG A 4 8.87 0.73 -8.36
C ARG A 4 7.44 0.26 -8.57
N GLY A 5 6.61 1.19 -9.00
CA GLY A 5 5.21 0.91 -9.21
C GLY A 5 4.41 1.32 -7.99
N LYS A 6 4.87 2.37 -7.31
CA LYS A 6 4.18 2.87 -6.12
C LYS A 6 2.76 3.27 -6.44
N LYS A 7 2.46 3.39 -7.73
CA LYS A 7 1.11 3.70 -8.15
C LYS A 7 0.17 2.71 -7.47
N TRP A 8 0.78 1.59 -7.09
CA TRP A 8 0.09 0.51 -6.38
C TRP A 8 -0.14 0.92 -4.96
N THR A 9 0.88 1.55 -4.39
CA THR A 9 0.86 1.98 -3.01
C THR A 9 -0.38 2.80 -2.81
N GLU A 10 -0.82 3.41 -3.87
CA GLU A 10 -2.03 4.16 -3.87
C GLU A 10 -3.13 3.30 -3.32
N LYS A 11 -3.12 2.07 -3.80
CA LYS A 11 -4.09 1.08 -3.42
C LYS A 11 -3.96 0.71 -1.97
N LEU A 12 -2.78 0.92 -1.45
CA LEU A 12 -2.53 0.60 -0.06
C LEU A 12 -2.68 1.85 0.70
N ALA A 13 -2.32 2.93 0.04
CA ALA A 13 -2.57 4.21 0.62
C ALA A 13 -4.06 4.26 0.85
N ARG A 14 -4.78 3.33 0.17
CA ARG A 14 -6.21 3.23 0.31
C ARG A 14 -6.60 1.88 0.94
N PHE A 15 -5.68 0.92 0.98
CA PHE A 15 -6.01 -0.40 1.52
C PHE A 15 -5.16 -0.77 2.72
N GLN A 16 -3.90 -0.39 2.71
CA GLN A 16 -3.00 -0.66 3.83
C GLN A 16 -3.74 -0.47 5.16
N ARG A 17 -4.73 0.42 5.11
CA ARG A 17 -5.57 0.74 6.25
C ARG A 17 -6.04 -0.52 6.96
N SER A 18 -6.66 -1.39 6.19
CA SER A 18 -7.20 -2.64 6.71
C SER A 18 -6.36 -3.83 6.24
N SER A 19 -5.19 -3.54 5.69
CA SER A 19 -4.30 -4.58 5.19
C SER A 19 -4.06 -5.66 6.25
N ALA A 20 -4.44 -5.36 7.49
CA ALA A 20 -4.25 -6.31 8.60
C ALA A 20 -4.79 -7.68 8.25
N LYS A 21 -5.85 -7.69 7.44
CA LYS A 21 -6.56 -8.90 7.00
C LYS A 21 -5.83 -10.16 7.43
N LYS A 22 -5.89 -10.33 8.72
CA LYS A 22 -5.27 -11.47 9.39
C LYS A 22 -6.22 -12.67 9.45
N LYS A 23 -7.33 -12.58 8.72
CA LYS A 23 -8.30 -13.67 8.68
C LYS A 23 -8.78 -13.91 7.25
N ARG A 24 -7.83 -14.18 6.37
CA ARG A 24 -8.13 -14.43 4.96
C ARG A 24 -7.47 -15.71 4.48
N PRO A 1 6.29 4.39 -15.17
CA PRO A 1 6.26 4.01 -13.72
C PRO A 1 7.61 4.29 -13.05
N LEU A 2 7.91 3.55 -11.99
CA LEU A 2 9.16 3.73 -11.26
C LEU A 2 10.00 2.43 -11.35
N SER A 3 10.26 1.79 -10.21
CA SER A 3 11.00 0.54 -10.19
C SER A 3 10.29 -0.44 -9.27
N ARG A 4 9.33 0.07 -8.51
CA ARG A 4 8.55 -0.73 -7.58
C ARG A 4 7.09 -0.76 -7.98
N GLY A 5 6.66 0.35 -8.54
CA GLY A 5 5.28 0.51 -8.92
C GLY A 5 4.45 0.98 -7.74
N LYS A 6 5.01 1.94 -7.00
CA LYS A 6 4.33 2.48 -5.82
C LYS A 6 2.98 3.04 -6.16
N LYS A 7 2.72 3.23 -7.44
CA LYS A 7 1.42 3.70 -7.88
C LYS A 7 0.37 2.77 -7.27
N TRP A 8 0.85 1.59 -6.92
CA TRP A 8 0.04 0.56 -6.29
C TRP A 8 -0.19 0.92 -4.86
N THR A 9 0.87 1.42 -4.23
CA THR A 9 0.84 1.84 -2.84
C THR A 9 -0.34 2.77 -2.68
N GLU A 10 -0.65 3.44 -3.76
CA GLU A 10 -1.78 4.33 -3.81
C GLU A 10 -3.01 3.59 -3.35
N LYS A 11 -3.08 2.33 -3.73
CA LYS A 11 -4.17 1.49 -3.34
C LYS A 11 -4.01 1.06 -1.92
N LEU A 12 -2.79 0.84 -1.52
CA LEU A 12 -2.56 0.45 -0.15
C LEU A 12 -2.65 1.70 0.66
N ALA A 13 -2.28 2.77 0.00
CA ALA A 13 -2.46 4.06 0.59
C ALA A 13 -3.97 4.16 0.77
N ARG A 14 -4.68 3.21 0.12
CA ARG A 14 -6.12 3.13 0.21
C ARG A 14 -6.51 2.02 1.17
N PHE A 15 -5.66 1.00 1.29
CA PHE A 15 -5.99 -0.12 2.14
C PHE A 15 -4.98 -0.34 3.25
N GLN A 16 -3.72 -0.32 2.91
CA GLN A 16 -2.66 -0.47 3.91
C GLN A 16 -2.88 0.48 5.08
N ARG A 17 -3.67 1.51 4.84
CA ARG A 17 -4.00 2.51 5.84
C ARG A 17 -4.31 1.85 7.17
N SER A 18 -5.20 0.89 7.12
CA SER A 18 -5.61 0.13 8.29
C SER A 18 -5.30 -1.35 8.13
N SER A 19 -4.84 -1.73 6.94
CA SER A 19 -4.50 -3.12 6.67
C SER A 19 -3.38 -3.59 7.60
N ALA A 20 -2.84 -2.67 8.39
CA ALA A 20 -1.77 -2.98 9.32
C ALA A 20 -2.01 -4.31 10.03
N LYS A 21 -3.28 -4.58 10.29
CA LYS A 21 -3.69 -5.81 10.93
C LYS A 21 -4.74 -6.50 10.08
N LYS A 22 -4.31 -6.94 8.94
CA LYS A 22 -5.16 -7.62 7.98
C LYS A 22 -4.59 -8.98 7.61
N LYS A 23 -3.45 -8.96 6.93
CA LYS A 23 -2.78 -10.17 6.52
C LYS A 23 -1.27 -10.05 6.75
N ARG A 24 -0.92 -9.79 8.00
CA ARG A 24 0.49 -9.64 8.37
C ARG A 24 1.26 -10.91 8.07
N PRO A 1 12.73 6.03 -8.55
CA PRO A 1 11.53 6.56 -7.85
C PRO A 1 10.34 5.62 -7.98
N LEU A 2 9.70 5.64 -9.15
CA LEU A 2 8.53 4.80 -9.40
C LEU A 2 8.93 3.49 -10.10
N SER A 3 10.20 3.15 -10.01
CA SER A 3 10.69 1.91 -10.59
C SER A 3 10.24 0.77 -9.70
N ARG A 4 9.31 1.11 -8.82
CA ARG A 4 8.75 0.20 -7.86
C ARG A 4 7.31 -0.11 -8.17
N GLY A 5 6.64 0.89 -8.73
CA GLY A 5 5.24 0.75 -9.03
C GLY A 5 4.40 1.15 -7.85
N LYS A 6 4.78 2.26 -7.21
CA LYS A 6 4.06 2.75 -6.05
C LYS A 6 2.64 3.10 -6.39
N LYS A 7 2.35 3.16 -7.68
CA LYS A 7 0.99 3.42 -8.14
C LYS A 7 0.07 2.43 -7.44
N TRP A 8 0.69 1.35 -7.02
CA TRP A 8 0.02 0.28 -6.29
C TRP A 8 -0.23 0.74 -4.88
N THR A 9 0.78 1.40 -4.32
CA THR A 9 0.73 1.93 -2.98
C THR A 9 -0.53 2.76 -2.85
N GLU A 10 -0.93 3.30 -3.98
CA GLU A 10 -2.14 4.07 -4.08
C GLU A 10 -3.29 3.24 -3.51
N LYS A 11 -3.22 1.95 -3.79
CA LYS A 11 -4.19 1.00 -3.33
C LYS A 11 -4.02 0.70 -1.87
N LEU A 12 -2.80 0.79 -1.41
CA LEU A 12 -2.54 0.53 -0.01
C LEU A 12 -2.59 1.82 0.71
N ALA A 13 -2.27 2.86 -0.05
CA ALA A 13 -2.43 4.17 0.48
C ALA A 13 -3.91 4.30 0.76
N ARG A 14 -4.69 3.36 0.17
CA ARG A 14 -6.12 3.32 0.37
C ARG A 14 -6.55 2.06 1.10
N PHE A 15 -5.67 1.05 1.18
CA PHE A 15 -6.04 -0.18 1.84
C PHE A 15 -5.14 -0.48 3.03
N GLN A 16 -3.86 -0.20 2.88
CA GLN A 16 -2.91 -0.38 3.96
C GLN A 16 -3.18 0.65 5.07
N ARG A 17 -4.37 1.22 5.03
CA ARG A 17 -4.80 2.22 6.00
C ARG A 17 -4.94 1.63 7.39
N SER A 18 -5.89 0.71 7.53
CA SER A 18 -6.13 0.06 8.81
C SER A 18 -5.77 -1.42 8.77
N SER A 19 -5.32 -1.90 7.61
CA SER A 19 -4.93 -3.29 7.46
C SER A 19 -3.87 -3.68 8.49
N ALA A 20 -3.32 -2.69 9.19
CA ALA A 20 -2.29 -2.93 10.18
C ALA A 20 -2.80 -3.82 11.31
N LYS A 21 -4.05 -3.63 11.68
CA LYS A 21 -4.68 -4.42 12.71
C LYS A 21 -5.98 -5.00 12.20
N LYS A 22 -5.83 -5.88 11.25
CA LYS A 22 -6.96 -6.55 10.62
C LYS A 22 -6.82 -8.07 10.71
N LYS A 23 -5.93 -8.53 11.60
CA LYS A 23 -5.71 -9.96 11.78
C LYS A 23 -5.61 -10.29 13.27
N ARG A 24 -6.65 -9.94 14.01
CA ARG A 24 -6.69 -10.19 15.45
C ARG A 24 -6.73 -11.69 15.73
N PRO A 1 5.62 2.90 -14.42
CA PRO A 1 5.62 4.33 -14.06
C PRO A 1 6.94 4.77 -13.43
N LEU A 2 7.38 4.03 -12.42
CA LEU A 2 8.63 4.33 -11.73
C LEU A 2 9.60 3.14 -11.86
N SER A 3 9.96 2.53 -10.74
CA SER A 3 10.85 1.38 -10.73
C SER A 3 10.30 0.31 -9.80
N ARG A 4 9.36 0.72 -8.94
CA ARG A 4 8.74 -0.16 -7.98
C ARG A 4 7.27 -0.35 -8.29
N GLY A 5 6.67 0.70 -8.80
CA GLY A 5 5.26 0.68 -9.10
C GLY A 5 4.45 1.13 -7.90
N LYS A 6 4.98 2.12 -7.19
CA LYS A 6 4.30 2.65 -6.00
C LYS A 6 2.91 3.11 -6.32
N LYS A 7 2.62 3.26 -7.60
CA LYS A 7 1.29 3.63 -8.03
C LYS A 7 0.31 2.69 -7.36
N TRP A 8 0.85 1.53 -7.00
CA TRP A 8 0.10 0.49 -6.31
C TRP A 8 -0.12 0.88 -4.89
N THR A 9 0.93 1.46 -4.30
CA THR A 9 0.90 1.88 -2.92
C THR A 9 -0.32 2.72 -2.71
N GLU A 10 -0.73 3.36 -3.78
CA GLU A 10 -1.92 4.14 -3.78
C GLU A 10 -3.06 3.29 -3.24
N LYS A 11 -3.08 2.06 -3.74
CA LYS A 11 -4.07 1.09 -3.36
C LYS A 11 -3.95 0.74 -1.91
N LEU A 12 -2.77 0.92 -1.39
CA LEU A 12 -2.54 0.61 -0.01
C LEU A 12 -2.66 1.88 0.75
N ALA A 13 -2.34 2.95 0.05
CA ALA A 13 -2.57 4.24 0.60
C ALA A 13 -4.06 4.31 0.84
N ARG A 14 -4.79 3.37 0.19
CA ARG A 14 -6.23 3.29 0.33
C ARG A 14 -6.64 1.97 0.99
N PHE A 15 -5.73 0.98 0.99
CA PHE A 15 -6.06 -0.32 1.57
C PHE A 15 -5.16 -0.67 2.74
N GLN A 16 -3.90 -0.25 2.69
CA GLN A 16 -2.96 -0.48 3.77
C GLN A 16 -3.59 -0.07 5.11
N ARG A 17 -4.66 0.71 5.02
CA ARG A 17 -5.41 1.19 6.18
C ARG A 17 -5.69 0.10 7.20
N SER A 18 -5.54 -1.15 6.79
CA SER A 18 -5.79 -2.30 7.67
C SER A 18 -5.19 -2.07 9.05
N SER A 19 -4.17 -1.21 9.11
CA SER A 19 -3.51 -0.88 10.37
C SER A 19 -4.52 -0.31 11.37
N ALA A 20 -5.76 -0.10 10.90
CA ALA A 20 -6.83 0.45 11.74
C ALA A 20 -6.85 -0.19 13.12
N LYS A 21 -6.42 -1.44 13.18
CA LYS A 21 -6.35 -2.17 14.42
C LYS A 21 -4.95 -2.71 14.61
N LYS A 22 -4.06 -1.78 14.82
CA LYS A 22 -2.65 -2.10 15.04
C LYS A 22 -2.24 -1.80 16.49
N LYS A 23 -3.23 -1.71 17.38
CA LYS A 23 -2.97 -1.44 18.78
C LYS A 23 -3.84 -2.33 19.65
N ARG A 24 -3.72 -3.63 19.46
CA ARG A 24 -4.49 -4.60 20.22
C ARG A 24 -5.98 -4.44 19.96
N PRO A 1 4.38 4.64 -15.00
CA PRO A 1 4.74 4.24 -13.62
C PRO A 1 6.09 4.81 -13.20
N LEU A 2 6.74 4.17 -12.23
CA LEU A 2 8.04 4.61 -11.74
C LEU A 2 9.09 3.51 -11.96
N SER A 3 9.65 2.97 -10.88
CA SER A 3 10.64 1.90 -10.99
C SER A 3 10.30 0.81 -9.99
N ARG A 4 9.37 1.12 -9.08
CA ARG A 4 8.93 0.20 -8.06
C ARG A 4 7.49 -0.20 -8.27
N GLY A 5 6.73 0.75 -8.78
CA GLY A 5 5.32 0.55 -8.99
C GLY A 5 4.53 0.99 -7.78
N LYS A 6 4.99 2.08 -7.15
CA LYS A 6 4.32 2.60 -5.97
C LYS A 6 2.94 3.10 -6.29
N LYS A 7 2.65 3.25 -7.57
CA LYS A 7 1.34 3.64 -8.02
C LYS A 7 0.34 2.69 -7.37
N TRP A 8 0.87 1.54 -6.98
CA TRP A 8 0.11 0.50 -6.31
C TRP A 8 -0.14 0.91 -4.90
N THR A 9 0.91 1.47 -4.28
CA THR A 9 0.86 1.94 -2.91
C THR A 9 -0.34 2.84 -2.78
N GLU A 10 -0.65 3.47 -3.88
CA GLU A 10 -1.81 4.33 -3.97
C GLU A 10 -3.02 3.57 -3.48
N LYS A 11 -3.04 2.29 -3.83
CA LYS A 11 -4.12 1.43 -3.43
C LYS A 11 -3.97 1.05 -2.00
N LEU A 12 -2.75 0.89 -1.57
CA LEU A 12 -2.52 0.55 -0.20
C LEU A 12 -2.65 1.82 0.57
N ALA A 13 -2.26 2.88 -0.09
CA ALA A 13 -2.48 4.18 0.47
C ALA A 13 -3.98 4.25 0.69
N ARG A 14 -4.68 3.29 0.05
CA ARG A 14 -6.12 3.16 0.19
C ARG A 14 -6.47 2.02 1.12
N PHE A 15 -5.59 1.03 1.22
CA PHE A 15 -5.92 -0.14 2.03
C PHE A 15 -4.91 -0.45 3.11
N GLN A 16 -3.63 -0.19 2.85
CA GLN A 16 -2.59 -0.43 3.84
C GLN A 16 -3.08 -0.08 5.25
N ARG A 17 -3.98 0.89 5.29
CA ARG A 17 -4.59 1.36 6.53
C ARG A 17 -4.99 0.21 7.43
N SER A 18 -5.32 -0.92 6.82
CA SER A 18 -5.72 -2.12 7.55
C SER A 18 -4.52 -2.89 8.09
N SER A 19 -3.36 -2.25 8.09
CA SER A 19 -2.14 -2.87 8.58
C SER A 19 -2.33 -3.48 9.97
N ALA A 20 -3.43 -3.10 10.63
CA ALA A 20 -3.73 -3.62 11.96
C ALA A 20 -3.85 -5.13 11.95
N LYS A 21 -4.34 -5.66 10.85
CA LYS A 21 -4.50 -7.09 10.67
C LYS A 21 -3.81 -7.52 9.39
N LYS A 22 -2.52 -7.41 9.43
CA LYS A 22 -1.67 -7.78 8.29
C LYS A 22 -1.69 -9.28 8.02
N LYS A 23 -2.29 -10.05 8.94
CA LYS A 23 -2.37 -11.49 8.79
C LYS A 23 -3.76 -11.99 9.17
N ARG A 24 -4.77 -11.44 8.50
CA ARG A 24 -6.15 -11.83 8.75
C ARG A 24 -6.91 -12.01 7.45
N PRO A 1 5.23 3.38 -15.24
CA PRO A 1 4.97 4.63 -14.47
C PRO A 1 6.26 5.21 -13.88
N LEU A 2 6.79 4.54 -12.87
CA LEU A 2 8.02 4.98 -12.22
C LEU A 2 9.09 3.89 -12.34
N SER A 3 9.55 3.34 -11.22
CA SER A 3 10.54 2.27 -11.22
C SER A 3 10.13 1.18 -10.24
N ARG A 4 9.11 1.49 -9.44
CA ARG A 4 8.61 0.58 -8.43
C ARG A 4 7.16 0.21 -8.69
N GLY A 5 6.43 1.19 -9.16
CA GLY A 5 5.02 1.02 -9.43
C GLY A 5 4.19 1.48 -8.24
N LYS A 6 4.63 2.58 -7.59
CA LYS A 6 3.91 3.12 -6.45
C LYS A 6 2.46 3.42 -6.81
N LYS A 7 2.17 3.44 -8.10
CA LYS A 7 0.79 3.65 -8.55
C LYS A 7 -0.09 2.65 -7.81
N TRP A 8 0.57 1.60 -7.35
CA TRP A 8 -0.06 0.53 -6.58
C TRP A 8 -0.31 1.04 -5.18
N THR A 9 0.68 1.80 -4.69
CA THR A 9 0.63 2.39 -3.36
C THR A 9 -0.67 3.10 -3.22
N GLU A 10 -1.17 3.56 -4.34
CA GLU A 10 -2.45 4.21 -4.40
C GLU A 10 -3.49 3.32 -3.74
N LYS A 11 -3.32 2.03 -3.96
CA LYS A 11 -4.19 1.03 -3.41
C LYS A 11 -3.91 0.82 -1.94
N LEU A 12 -2.69 1.05 -1.56
CA LEU A 12 -2.33 0.89 -0.18
C LEU A 12 -2.48 2.21 0.47
N ALA A 13 -2.28 3.23 -0.33
CA ALA A 13 -2.54 4.55 0.13
C ALA A 13 -4.00 4.55 0.51
N ARG A 14 -4.72 3.51 0.01
CA ARG A 14 -6.12 3.36 0.31
C ARG A 14 -6.37 2.10 1.14
N PHE A 15 -5.39 1.18 1.19
CA PHE A 15 -5.60 -0.06 1.94
C PHE A 15 -4.59 -0.20 3.06
N GLN A 16 -3.37 0.20 2.81
CA GLN A 16 -2.33 0.15 3.84
C GLN A 16 -2.70 1.07 5.00
N ARG A 17 -3.79 1.82 4.82
CA ARG A 17 -4.32 2.74 5.82
C ARG A 17 -4.23 2.17 7.24
N SER A 18 -4.27 0.84 7.32
CA SER A 18 -4.19 0.15 8.61
C SER A 18 -2.76 0.11 9.14
N SER A 19 -1.87 0.85 8.50
CA SER A 19 -0.47 0.90 8.91
C SER A 19 -0.32 1.27 10.38
N ALA A 20 -1.42 1.68 11.01
CA ALA A 20 -1.41 2.07 12.42
C ALA A 20 -0.60 1.08 13.25
N LYS A 21 -0.66 -0.18 12.85
CA LYS A 21 0.08 -1.24 13.50
C LYS A 21 0.90 -1.98 12.47
N LYS A 22 1.87 -1.28 11.96
CA LYS A 22 2.78 -1.82 10.95
C LYS A 22 3.78 -2.81 11.56
N LYS A 23 3.79 -2.91 12.89
CA LYS A 23 4.69 -3.82 13.58
C LYS A 23 3.94 -4.54 14.70
N ARG A 24 2.87 -5.23 14.33
CA ARG A 24 2.06 -5.96 15.29
C ARG A 24 2.73 -7.30 15.65
N PRO A 1 6.26 2.83 -13.67
CA PRO A 1 5.92 4.28 -13.77
C PRO A 1 6.90 5.15 -12.98
N LEU A 2 7.27 4.68 -11.79
CA LEU A 2 8.22 5.41 -10.95
C LEU A 2 9.49 4.56 -10.78
N SER A 3 9.80 4.16 -9.54
CA SER A 3 10.96 3.33 -9.27
C SER A 3 10.58 2.23 -8.28
N ARG A 4 9.41 2.39 -7.68
CA ARG A 4 8.93 1.44 -6.69
C ARG A 4 7.62 0.81 -7.11
N GLY A 5 6.79 1.62 -7.72
CA GLY A 5 5.48 1.19 -8.13
C GLY A 5 4.45 1.64 -7.13
N LYS A 6 4.65 2.83 -6.57
CA LYS A 6 3.74 3.37 -5.57
C LYS A 6 2.32 3.42 -6.09
N LYS A 7 2.18 3.28 -7.41
CA LYS A 7 0.86 3.24 -8.02
C LYS A 7 0.03 2.19 -7.29
N TRP A 8 0.78 1.28 -6.67
CA TRP A 8 0.21 0.19 -5.88
C TRP A 8 -0.28 0.76 -4.57
N THR A 9 0.52 1.66 -4.04
CA THR A 9 0.22 2.33 -2.80
C THR A 9 -1.04 3.14 -2.95
N GLU A 10 -1.21 3.65 -4.10
CA GLU A 10 -2.37 4.42 -4.39
C GLU A 10 -3.61 3.62 -4.05
N LYS A 11 -3.65 2.45 -4.60
CA LYS A 11 -4.74 1.52 -4.42
C LYS A 11 -4.53 0.59 -3.27
N LEU A 12 -3.28 0.30 -3.05
CA LEU A 12 -2.94 -0.64 -2.02
C LEU A 12 -2.45 0.04 -0.77
N ALA A 13 -2.01 1.29 -0.91
CA ALA A 13 -1.60 2.02 0.29
C ALA A 13 -2.83 2.64 0.86
N ARG A 14 -3.88 2.66 0.04
CA ARG A 14 -5.15 3.17 0.48
C ARG A 14 -5.81 2.08 1.31
N PHE A 15 -5.30 0.86 1.11
CA PHE A 15 -5.84 -0.29 1.78
C PHE A 15 -4.82 -0.92 2.71
N GLN A 16 -3.58 -0.47 2.60
CA GLN A 16 -2.50 -0.95 3.43
C GLN A 16 -2.82 -0.76 4.92
N ARG A 17 -3.96 -0.14 5.20
CA ARG A 17 -4.41 0.11 6.56
C ARG A 17 -4.29 -1.13 7.42
N SER A 18 -4.90 -2.20 6.96
CA SER A 18 -4.87 -3.47 7.67
C SER A 18 -4.19 -4.55 6.84
N SER A 19 -3.78 -4.19 5.63
CA SER A 19 -3.10 -5.13 4.75
C SER A 19 -1.90 -5.78 5.45
N ALA A 20 -1.53 -5.24 6.60
CA ALA A 20 -0.40 -5.76 7.38
C ALA A 20 -0.43 -7.27 7.45
N LYS A 21 -1.64 -7.82 7.46
CA LYS A 21 -1.84 -9.26 7.49
C LYS A 21 -2.74 -9.67 6.36
N LYS A 22 -2.19 -9.52 5.18
CA LYS A 22 -2.90 -9.86 3.95
C LYS A 22 -2.10 -10.88 3.14
N LYS A 23 -1.18 -11.58 3.79
CA LYS A 23 -0.37 -12.59 3.13
C LYS A 23 -0.26 -13.84 4.00
N ARG A 24 -1.41 -14.40 4.36
CA ARG A 24 -1.45 -15.59 5.19
C ARG A 24 -0.80 -15.33 6.54
N PRO A 1 13.05 5.60 -8.77
CA PRO A 1 12.07 5.97 -7.71
C PRO A 1 10.78 5.14 -7.82
N LEU A 2 10.12 5.23 -8.98
CA LEU A 2 8.88 4.50 -9.21
C LEU A 2 9.14 3.17 -9.89
N SER A 3 10.37 2.71 -9.83
CA SER A 3 10.74 1.42 -10.40
C SER A 3 10.18 0.33 -9.50
N ARG A 4 9.28 0.77 -8.63
CA ARG A 4 8.64 -0.06 -7.65
C ARG A 4 7.17 -0.25 -7.98
N GLY A 5 6.60 0.79 -8.56
CA GLY A 5 5.20 0.77 -8.90
C GLY A 5 4.37 1.19 -7.71
N LYS A 6 4.80 2.27 -7.05
CA LYS A 6 4.08 2.78 -5.88
C LYS A 6 2.66 3.15 -6.24
N LYS A 7 2.39 3.24 -7.53
CA LYS A 7 1.04 3.52 -7.99
C LYS A 7 0.10 2.53 -7.32
N TRP A 8 0.71 1.44 -6.91
CA TRP A 8 0.01 0.35 -6.21
C TRP A 8 -0.25 0.79 -4.80
N THR A 9 0.75 1.43 -4.21
CA THR A 9 0.66 1.93 -2.85
C THR A 9 -0.60 2.74 -2.73
N GLU A 10 -0.97 3.31 -3.85
CA GLU A 10 -2.19 4.07 -3.95
C GLU A 10 -3.34 3.23 -3.43
N LYS A 11 -3.27 1.95 -3.74
CA LYS A 11 -4.25 0.97 -3.33
C LYS A 11 -4.11 0.65 -1.87
N LEU A 12 -2.91 0.75 -1.37
CA LEU A 12 -2.68 0.46 0.01
C LEU A 12 -2.77 1.73 0.76
N ALA A 13 -2.43 2.79 0.05
CA ALA A 13 -2.62 4.09 0.60
C ALA A 13 -4.11 4.19 0.86
N ARG A 14 -4.86 3.26 0.22
CA ARG A 14 -6.29 3.21 0.39
C ARG A 14 -6.71 1.90 1.07
N PHE A 15 -5.82 0.91 1.14
CA PHE A 15 -6.20 -0.36 1.76
C PHE A 15 -5.33 -0.70 2.95
N GLN A 16 -4.04 -0.40 2.85
CA GLN A 16 -3.13 -0.63 3.96
C GLN A 16 -3.59 0.15 5.20
N ARG A 17 -4.52 1.08 4.97
CA ARG A 17 -5.08 1.91 6.03
C ARG A 17 -5.32 1.10 7.28
N SER A 18 -6.02 0.02 7.12
CA SER A 18 -6.34 -0.89 8.22
C SER A 18 -5.64 -2.22 8.05
N SER A 19 -5.20 -2.49 6.83
CA SER A 19 -4.50 -3.73 6.54
C SER A 19 -3.22 -3.84 7.39
N ALA A 20 -2.91 -2.76 8.09
CA ALA A 20 -1.72 -2.72 8.94
C ALA A 20 -1.94 -3.47 10.23
N LYS A 21 -3.15 -3.38 10.75
CA LYS A 21 -3.52 -4.07 11.98
C LYS A 21 -4.77 -4.89 11.75
N LYS A 22 -4.59 -5.90 10.94
CA LYS A 22 -5.68 -6.81 10.60
C LYS A 22 -5.36 -8.24 11.03
N LYS A 23 -4.07 -8.54 11.16
CA LYS A 23 -3.63 -9.86 11.58
C LYS A 23 -2.49 -9.74 12.58
N ARG A 24 -2.76 -9.03 13.67
CA ARG A 24 -1.76 -8.83 14.72
C ARG A 24 -0.56 -8.06 14.18
N PRO A 1 6.09 2.51 -14.44
CA PRO A 1 5.90 3.93 -14.00
C PRO A 1 7.14 4.48 -13.33
N LEU A 2 7.56 3.84 -12.24
CA LEU A 2 8.74 4.28 -11.50
C LEU A 2 9.78 3.14 -11.49
N SER A 3 10.11 2.63 -10.31
CA SER A 3 11.06 1.54 -10.18
C SER A 3 10.53 0.50 -9.21
N ARG A 4 9.48 0.89 -8.49
CA ARG A 4 8.84 0.03 -7.50
C ARG A 4 7.40 -0.24 -7.85
N GLY A 5 6.78 0.76 -8.45
CA GLY A 5 5.39 0.66 -8.79
C GLY A 5 4.53 1.08 -7.62
N LYS A 6 4.95 2.17 -6.96
CA LYS A 6 4.23 2.68 -5.80
C LYS A 6 2.82 3.10 -6.18
N LYS A 7 2.57 3.23 -7.47
CA LYS A 7 1.22 3.55 -7.93
C LYS A 7 0.26 2.57 -7.29
N TRP A 8 0.84 1.44 -6.89
CA TRP A 8 0.12 0.38 -6.21
C TRP A 8 -0.16 0.79 -4.80
N THR A 9 0.85 1.40 -4.19
CA THR A 9 0.77 1.87 -2.82
C THR A 9 -0.47 2.72 -2.70
N GLU A 10 -0.82 3.32 -3.81
CA GLU A 10 -2.02 4.11 -3.90
C GLU A 10 -3.19 3.28 -3.40
N LYS A 11 -3.15 2.01 -3.75
CA LYS A 11 -4.16 1.05 -3.35
C LYS A 11 -4.03 0.68 -1.90
N LEU A 12 -2.83 0.75 -1.40
CA LEU A 12 -2.61 0.43 -0.02
C LEU A 12 -2.69 1.71 0.74
N ALA A 13 -2.34 2.76 0.04
CA ALA A 13 -2.50 4.06 0.61
C ALA A 13 -3.99 4.17 0.90
N ARG A 14 -4.76 3.28 0.25
CA ARG A 14 -6.20 3.23 0.44
C ARG A 14 -6.63 1.92 1.10
N PHE A 15 -5.75 0.92 1.08
CA PHE A 15 -6.10 -0.39 1.64
C PHE A 15 -5.16 -0.84 2.75
N GLN A 16 -3.91 -0.42 2.67
CA GLN A 16 -2.91 -0.75 3.69
C GLN A 16 -3.48 -0.57 5.10
N ARG A 17 -4.54 0.22 5.19
CA ARG A 17 -5.23 0.51 6.44
C ARG A 17 -5.44 -0.75 7.26
N SER A 18 -5.99 -1.76 6.61
CA SER A 18 -6.26 -3.03 7.27
C SER A 18 -5.08 -3.97 7.18
N SER A 19 -4.00 -3.51 6.57
CA SER A 19 -2.80 -4.32 6.43
C SER A 19 -2.29 -4.80 7.79
N ALA A 20 -2.85 -4.24 8.85
CA ALA A 20 -2.46 -4.60 10.21
C ALA A 20 -2.80 -6.05 10.52
N LYS A 21 -3.95 -6.49 10.03
CA LYS A 21 -4.39 -7.85 10.22
C LYS A 21 -4.76 -8.46 8.88
N LYS A 22 -3.74 -8.64 8.08
CA LYS A 22 -3.89 -9.22 6.76
C LYS A 22 -3.86 -10.74 6.81
N LYS A 23 -2.84 -11.27 7.46
CA LYS A 23 -2.70 -12.71 7.61
C LYS A 23 -2.26 -13.05 9.03
N ARG A 24 -3.07 -12.63 10.00
CA ARG A 24 -2.77 -12.88 11.41
C ARG A 24 -1.44 -12.26 11.80
N PRO A 1 7.03 4.22 -15.21
CA PRO A 1 6.84 4.08 -13.74
C PRO A 1 8.14 4.38 -12.99
N LEU A 2 8.27 3.82 -11.79
CA LEU A 2 9.46 4.03 -10.98
C LEU A 2 10.33 2.76 -11.01
N SER A 3 10.53 2.12 -9.86
CA SER A 3 11.31 0.90 -9.78
C SER A 3 10.57 -0.12 -8.93
N ARG A 4 9.53 0.36 -8.24
CA ARG A 4 8.72 -0.47 -7.37
C ARG A 4 7.28 -0.51 -7.85
N GLY A 5 6.85 0.61 -8.41
CA GLY A 5 5.49 0.74 -8.86
C GLY A 5 4.61 1.18 -7.72
N LYS A 6 5.12 2.13 -6.93
CA LYS A 6 4.39 2.64 -5.78
C LYS A 6 3.02 3.16 -6.17
N LYS A 7 2.82 3.35 -7.47
CA LYS A 7 1.51 3.78 -7.95
C LYS A 7 0.46 2.84 -7.37
N TRP A 8 0.95 1.67 -7.01
CA TRP A 8 0.14 0.62 -6.40
C TRP A 8 -0.12 0.98 -4.96
N THR A 9 0.93 1.50 -4.32
CA THR A 9 0.86 1.92 -2.94
C THR A 9 -0.32 2.83 -2.79
N GLU A 10 -0.64 3.50 -3.87
CA GLU A 10 -1.77 4.37 -3.94
C GLU A 10 -3.00 3.61 -3.47
N LYS A 11 -3.05 2.35 -3.82
CA LYS A 11 -4.13 1.50 -3.43
C LYS A 11 -3.95 1.07 -2.00
N LEU A 12 -2.73 0.85 -1.61
CA LEU A 12 -2.48 0.48 -0.25
C LEU A 12 -2.55 1.71 0.56
N ALA A 13 -2.21 2.79 -0.11
CA ALA A 13 -2.40 4.08 0.47
C ALA A 13 -3.91 4.19 0.66
N ARG A 14 -4.61 3.23 0.01
CA ARG A 14 -6.06 3.14 0.11
C ARG A 14 -6.43 2.06 1.10
N PHE A 15 -5.57 1.04 1.22
CA PHE A 15 -5.89 -0.06 2.11
C PHE A 15 -4.87 -0.22 3.22
N GLN A 16 -3.61 -0.26 2.84
CA GLN A 16 -2.54 -0.38 3.81
C GLN A 16 -2.61 0.74 4.86
N ARG A 17 -3.34 1.79 4.51
CA ARG A 17 -3.53 2.95 5.37
C ARG A 17 -3.78 2.54 6.82
N SER A 18 -4.36 1.36 6.99
CA SER A 18 -4.66 0.84 8.32
C SER A 18 -3.40 0.36 9.04
N SER A 19 -2.24 0.58 8.43
CA SER A 19 -0.97 0.18 9.01
C SER A 19 -0.83 0.68 10.46
N ALA A 20 -1.71 1.60 10.85
CA ALA A 20 -1.68 2.16 12.20
C ALA A 20 -1.62 1.05 13.25
N LYS A 21 -2.28 -0.04 12.95
CA LYS A 21 -2.30 -1.20 13.84
C LYS A 21 -1.89 -2.43 13.07
N LYS A 22 -0.64 -2.43 12.70
CA LYS A 22 -0.05 -3.53 11.95
C LYS A 22 0.86 -4.37 12.82
N LYS A 23 1.93 -3.75 13.29
CA LYS A 23 2.90 -4.41 14.16
C LYS A 23 3.30 -3.49 15.30
N ARG A 24 2.31 -3.04 16.06
CA ARG A 24 2.55 -2.15 17.19
C ARG A 24 3.53 -2.78 18.18
N PRO A 1 13.27 5.67 -8.16
CA PRO A 1 12.18 6.13 -7.25
C PRO A 1 10.91 5.29 -7.43
N LEU A 2 10.27 5.44 -8.58
CA LEU A 2 9.05 4.70 -8.87
C LEU A 2 9.33 3.42 -9.64
N SER A 3 10.57 2.97 -9.58
CA SER A 3 10.96 1.74 -10.24
C SER A 3 10.40 0.58 -9.44
N ARG A 4 9.49 0.94 -8.55
CA ARG A 4 8.84 0.03 -7.65
C ARG A 4 7.39 -0.14 -8.02
N GLY A 5 6.81 0.93 -8.52
CA GLY A 5 5.41 0.93 -8.88
C GLY A 5 4.56 1.31 -7.68
N LYS A 6 5.02 2.31 -6.93
CA LYS A 6 4.29 2.77 -5.75
C LYS A 6 2.88 3.18 -6.11
N LYS A 7 2.64 3.34 -7.40
CA LYS A 7 1.31 3.67 -7.89
C LYS A 7 0.32 2.67 -7.27
N TRP A 8 0.89 1.54 -6.90
CA TRP A 8 0.15 0.46 -6.26
C TRP A 8 -0.12 0.84 -4.83
N THR A 9 0.90 1.43 -4.21
CA THR A 9 0.82 1.87 -2.83
C THR A 9 -0.40 2.72 -2.69
N GLU A 10 -0.75 3.36 -3.79
CA GLU A 10 -1.94 4.17 -3.86
C GLU A 10 -3.12 3.34 -3.38
N LYS A 11 -3.09 2.07 -3.74
CA LYS A 11 -4.11 1.13 -3.37
C LYS A 11 -3.98 0.73 -1.92
N LEU A 12 -2.78 0.76 -1.43
CA LEU A 12 -2.56 0.40 -0.04
C LEU A 12 -2.62 1.66 0.75
N ALA A 13 -2.26 2.73 0.07
CA ALA A 13 -2.40 4.02 0.67
C ALA A 13 -3.89 4.16 0.92
N ARG A 14 -4.68 3.30 0.25
CA ARG A 14 -6.12 3.29 0.41
C ARG A 14 -6.58 1.98 1.04
N PHE A 15 -5.74 0.95 1.02
CA PHE A 15 -6.14 -0.35 1.57
C PHE A 15 -5.26 -0.78 2.72
N GLN A 16 -3.97 -0.50 2.63
CA GLN A 16 -3.03 -0.84 3.69
C GLN A 16 -3.62 -0.48 5.06
N ARG A 17 -4.53 0.49 5.03
CA ARG A 17 -5.23 0.96 6.22
C ARG A 17 -5.67 -0.19 7.12
N SER A 18 -5.90 -1.34 6.51
CA SER A 18 -6.33 -2.53 7.24
C SER A 18 -5.37 -2.88 8.35
N SER A 19 -4.18 -2.28 8.33
CA SER A 19 -3.16 -2.54 9.35
C SER A 19 -3.74 -2.33 10.75
N ALA A 20 -4.93 -1.75 10.83
CA ALA A 20 -5.58 -1.49 12.11
C ALA A 20 -5.87 -2.78 12.85
N LYS A 21 -6.20 -3.81 12.09
CA LYS A 21 -6.48 -5.12 12.65
C LYS A 21 -5.63 -6.16 11.96
N LYS A 22 -4.36 -6.06 12.20
CA LYS A 22 -3.36 -6.95 11.62
C LYS A 22 -2.74 -7.86 12.68
N LYS A 23 -3.19 -7.71 13.93
CA LYS A 23 -2.68 -8.52 15.03
C LYS A 23 -3.82 -8.97 15.92
N ARG A 24 -4.78 -9.65 15.32
CA ARG A 24 -5.94 -10.16 16.05
C ARG A 24 -6.83 -11.00 15.15
N PRO A 1 5.81 2.85 -14.36
CA PRO A 1 5.77 4.33 -14.16
C PRO A 1 7.03 4.84 -13.45
N LEU A 2 7.35 4.24 -12.31
CA LEU A 2 8.53 4.63 -11.55
C LEU A 2 9.56 3.48 -11.57
N SER A 3 9.88 2.92 -10.40
CA SER A 3 10.82 1.82 -10.31
C SER A 3 10.26 0.75 -9.39
N ARG A 4 9.22 1.12 -8.64
CA ARG A 4 8.59 0.22 -7.69
C ARG A 4 7.14 -0.05 -8.08
N GLY A 5 6.53 0.97 -8.65
CA GLY A 5 5.14 0.87 -9.02
C GLY A 5 4.27 1.30 -7.87
N LYS A 6 4.71 2.35 -7.17
CA LYS A 6 3.98 2.87 -6.02
C LYS A 6 2.54 3.22 -6.38
N LYS A 7 2.27 3.28 -7.67
CA LYS A 7 0.92 3.54 -8.14
C LYS A 7 -0.01 2.55 -7.44
N TRP A 8 0.62 1.46 -7.02
CA TRP A 8 -0.06 0.39 -6.30
C TRP A 8 -0.32 0.83 -4.88
N THR A 9 0.69 1.49 -4.32
CA THR A 9 0.63 2.00 -2.97
C THR A 9 -0.63 2.80 -2.82
N GLU A 10 -1.04 3.36 -3.93
CA GLU A 10 -2.26 4.12 -4.01
C GLU A 10 -3.39 3.27 -3.46
N LYS A 11 -3.32 1.99 -3.76
CA LYS A 11 -4.29 1.02 -3.32
C LYS A 11 -4.10 0.68 -1.87
N LEU A 12 -2.88 0.78 -1.41
CA LEU A 12 -2.61 0.49 -0.03
C LEU A 12 -2.68 1.78 0.71
N ALA A 13 -2.38 2.83 -0.02
CA ALA A 13 -2.55 4.14 0.54
C ALA A 13 -4.03 4.23 0.88
N ARG A 14 -4.81 3.31 0.28
CA ARG A 14 -6.23 3.24 0.53
C ARG A 14 -6.61 1.93 1.24
N PHE A 15 -5.71 0.94 1.20
CA PHE A 15 -6.01 -0.35 1.82
C PHE A 15 -5.03 -0.73 2.93
N GLN A 16 -3.76 -0.39 2.73
CA GLN A 16 -2.67 -0.66 3.66
C GLN A 16 -3.15 -1.33 4.94
N ARG A 17 -3.85 -2.42 4.74
CA ARG A 17 -4.39 -3.22 5.84
C ARG A 17 -3.51 -4.41 6.15
N SER A 18 -3.44 -5.32 5.19
CA SER A 18 -2.62 -6.52 5.35
C SER A 18 -1.27 -6.35 4.67
N SER A 19 -0.94 -5.11 4.35
CA SER A 19 0.33 -4.80 3.70
C SER A 19 1.52 -5.40 4.46
N ALA A 20 1.26 -5.85 5.69
CA ALA A 20 2.31 -6.45 6.51
C ALA A 20 2.66 -7.84 6.00
N LYS A 21 1.64 -8.54 5.50
CA LYS A 21 1.73 -9.90 4.99
C LYS A 21 3.16 -10.39 4.94
N LYS A 22 3.64 -10.59 6.13
CA LYS A 22 5.00 -11.06 6.36
C LYS A 22 5.01 -12.49 6.92
N LYS A 23 3.83 -13.10 7.01
CA LYS A 23 3.72 -14.46 7.51
C LYS A 23 2.75 -15.25 6.66
N ARG A 24 3.04 -15.33 5.38
CA ARG A 24 2.20 -16.07 4.43
C ARG A 24 0.80 -15.47 4.39
N PRO A 1 5.74 3.18 -14.27
CA PRO A 1 5.66 4.67 -14.18
C PRO A 1 6.80 5.28 -13.37
N LEU A 2 7.14 4.67 -12.24
CA LEU A 2 8.23 5.15 -11.41
C LEU A 2 9.42 4.17 -11.50
N SER A 3 9.80 3.56 -10.38
CA SER A 3 10.88 2.59 -10.37
C SER A 3 10.49 1.39 -9.53
N ARG A 4 9.43 1.54 -8.74
CA ARG A 4 8.97 0.50 -7.86
C ARG A 4 7.55 0.06 -8.19
N GLY A 5 6.75 1.03 -8.57
CA GLY A 5 5.37 0.78 -8.86
C GLY A 5 4.51 1.19 -7.68
N LYS A 6 4.93 2.26 -7.00
CA LYS A 6 4.20 2.75 -5.84
C LYS A 6 2.78 3.14 -6.20
N LYS A 7 2.52 3.24 -7.49
CA LYS A 7 1.16 3.53 -7.95
C LYS A 7 0.23 2.54 -7.28
N TRP A 8 0.83 1.44 -6.87
CA TRP A 8 0.12 0.36 -6.18
C TRP A 8 -0.14 0.79 -4.77
N THR A 9 0.85 1.42 -4.16
CA THR A 9 0.75 1.91 -2.81
C THR A 9 -0.50 2.72 -2.70
N GLU A 10 -0.86 3.31 -3.82
CA GLU A 10 -2.06 4.09 -3.94
C GLU A 10 -3.24 3.27 -3.46
N LYS A 11 -3.19 1.99 -3.79
CA LYS A 11 -4.23 1.05 -3.42
C LYS A 11 -4.12 0.67 -1.98
N LEU A 12 -2.92 0.67 -1.48
CA LEU A 12 -2.73 0.32 -0.09
C LEU A 12 -2.75 1.58 0.69
N ALA A 13 -2.33 2.64 0.01
CA ALA A 13 -2.44 3.94 0.60
C ALA A 13 -3.91 4.12 0.91
N ARG A 14 -4.73 3.26 0.24
CA ARG A 14 -6.16 3.28 0.46
C ARG A 14 -6.61 1.99 1.15
N PHE A 15 -5.77 0.96 1.12
CA PHE A 15 -6.13 -0.33 1.71
C PHE A 15 -5.14 -0.77 2.81
N GLN A 16 -3.85 -0.62 2.52
CA GLN A 16 -2.74 -0.99 3.40
C GLN A 16 -3.20 -1.50 4.75
N ARG A 17 -4.04 -2.50 4.68
CA ARG A 17 -4.60 -3.13 5.87
C ARG A 17 -3.58 -4.06 6.53
N SER A 18 -2.55 -4.43 5.77
CA SER A 18 -1.50 -5.30 6.28
C SER A 18 -0.47 -4.52 7.08
N SER A 19 -0.76 -3.25 7.35
CA SER A 19 0.15 -2.39 8.10
C SER A 19 0.57 -3.03 9.42
N ALA A 20 -0.11 -4.11 9.81
CA ALA A 20 0.21 -4.80 11.05
C ALA A 20 1.56 -5.51 10.95
N LYS A 21 1.85 -6.03 9.78
CA LYS A 21 3.11 -6.70 9.53
C LYS A 21 3.77 -6.11 8.31
N LYS A 22 4.18 -4.87 8.48
CA LYS A 22 4.84 -4.12 7.42
C LYS A 22 6.21 -4.73 7.09
N LYS A 23 6.73 -5.53 8.00
CA LYS A 23 8.02 -6.17 7.81
C LYS A 23 7.95 -7.64 8.25
N ARG A 24 7.03 -8.38 7.65
CA ARG A 24 6.84 -9.79 7.97
C ARG A 24 8.16 -10.56 7.85
N PRO A 1 6.17 2.77 -13.99
CA PRO A 1 6.30 4.25 -13.87
C PRO A 1 7.58 4.65 -13.13
N LEU A 2 7.86 3.96 -12.04
CA LEU A 2 9.05 4.24 -11.25
C LEU A 2 9.99 3.03 -11.27
N SER A 3 10.25 2.41 -10.12
CA SER A 3 11.10 1.24 -10.04
C SER A 3 10.44 0.19 -9.14
N ARG A 4 9.39 0.62 -8.45
CA ARG A 4 8.67 -0.25 -7.54
C ARG A 4 7.22 -0.40 -7.96
N GLY A 5 6.69 0.66 -8.53
CA GLY A 5 5.31 0.69 -8.93
C GLY A 5 4.45 1.12 -7.77
N LYS A 6 4.93 2.12 -7.03
CA LYS A 6 4.20 2.64 -5.88
C LYS A 6 2.80 3.06 -6.25
N LYS A 7 2.55 3.19 -7.54
CA LYS A 7 1.22 3.52 -8.01
C LYS A 7 0.23 2.56 -7.37
N TRP A 8 0.78 1.44 -6.97
CA TRP A 8 0.05 0.38 -6.29
C TRP A 8 -0.21 0.79 -4.87
N THR A 9 0.82 1.38 -4.27
CA THR A 9 0.77 1.85 -2.90
C THR A 9 -0.46 2.72 -2.75
N GLU A 10 -0.81 3.33 -3.86
CA GLU A 10 -2.00 4.16 -3.93
C GLU A 10 -3.18 3.35 -3.41
N LYS A 11 -3.16 2.08 -3.74
CA LYS A 11 -4.19 1.15 -3.34
C LYS A 11 -4.04 0.76 -1.90
N LEU A 12 -2.82 0.81 -1.41
CA LEU A 12 -2.58 0.48 -0.04
C LEU A 12 -2.61 1.74 0.73
N ALA A 13 -2.25 2.80 0.03
CA ALA A 13 -2.37 4.10 0.60
C ALA A 13 -3.85 4.24 0.94
N ARG A 14 -4.65 3.36 0.31
CA ARG A 14 -6.09 3.35 0.55
C ARG A 14 -6.52 2.04 1.21
N PHE A 15 -5.66 1.01 1.14
CA PHE A 15 -6.02 -0.29 1.72
C PHE A 15 -5.05 -0.76 2.79
N GLN A 16 -3.79 -0.38 2.67
CA GLN A 16 -2.77 -0.73 3.66
C GLN A 16 -3.31 -0.64 5.08
N ARG A 17 -4.33 0.18 5.24
CA ARG A 17 -5.00 0.39 6.52
C ARG A 17 -5.25 -0.93 7.23
N SER A 18 -5.78 -1.88 6.48
CA SER A 18 -6.10 -3.20 7.03
C SER A 18 -4.89 -4.13 7.04
N SER A 19 -3.74 -3.59 6.66
CA SER A 19 -2.51 -4.39 6.64
C SER A 19 -2.25 -5.03 8.00
N ALA A 20 -2.97 -4.55 9.00
CA ALA A 20 -2.82 -5.07 10.36
C ALA A 20 -2.86 -6.59 10.39
N LYS A 21 -3.67 -7.16 9.51
CA LYS A 21 -3.88 -8.61 9.37
C LYS A 21 -2.94 -9.38 10.25
N LYS A 22 -3.22 -9.26 11.51
CA LYS A 22 -2.46 -9.93 12.57
C LYS A 22 -2.85 -11.40 12.71
N LYS A 23 -3.84 -11.82 11.92
CA LYS A 23 -4.30 -13.21 11.97
C LYS A 23 -4.52 -13.73 10.56
N ARG A 24 -3.48 -13.67 9.75
CA ARG A 24 -3.55 -14.14 8.37
C ARG A 24 -4.61 -13.37 7.59
N PRO A 1 5.73 2.74 -15.15
CA PRO A 1 5.26 3.91 -14.36
C PRO A 1 6.42 4.65 -13.72
N LEU A 2 6.95 4.11 -12.62
CA LEU A 2 8.06 4.73 -11.92
C LEU A 2 9.26 3.75 -11.90
N SER A 3 9.68 3.32 -10.72
CA SER A 3 10.78 2.38 -10.59
C SER A 3 10.42 1.30 -9.60
N ARG A 4 9.37 1.57 -8.81
CA ARG A 4 8.90 0.65 -7.80
C ARG A 4 7.49 0.19 -8.08
N GLY A 5 6.72 1.10 -8.63
CA GLY A 5 5.33 0.84 -8.91
C GLY A 5 4.47 1.22 -7.72
N LYS A 6 4.84 2.34 -7.07
CA LYS A 6 4.11 2.81 -5.91
C LYS A 6 2.69 3.17 -6.27
N LYS A 7 2.42 3.29 -7.56
CA LYS A 7 1.08 3.57 -8.03
C LYS A 7 0.15 2.55 -7.37
N TRP A 8 0.76 1.46 -6.97
CA TRP A 8 0.07 0.37 -6.29
C TRP A 8 -0.22 0.78 -4.87
N THR A 9 0.78 1.44 -4.28
CA THR A 9 0.69 1.93 -2.92
C THR A 9 -0.57 2.75 -2.81
N GLU A 10 -0.93 3.33 -3.92
CA GLU A 10 -2.15 4.09 -4.03
C GLU A 10 -3.31 3.25 -3.52
N LYS A 11 -3.22 1.97 -3.81
CA LYS A 11 -4.23 1.01 -3.40
C LYS A 11 -4.08 0.67 -1.95
N LEU A 12 -2.87 0.75 -1.46
CA LEU A 12 -2.64 0.45 -0.07
C LEU A 12 -2.70 1.73 0.67
N ALA A 13 -2.35 2.78 -0.05
CA ALA A 13 -2.50 4.09 0.50
C ALA A 13 -3.99 4.21 0.78
N ARG A 14 -4.75 3.28 0.16
CA ARG A 14 -6.19 3.26 0.36
C ARG A 14 -6.62 1.97 1.07
N PHE A 15 -5.75 0.96 1.13
CA PHE A 15 -6.12 -0.28 1.78
C PHE A 15 -5.23 -0.61 2.96
N GLN A 16 -3.94 -0.36 2.80
CA GLN A 16 -3.00 -0.59 3.89
C GLN A 16 -3.37 0.27 5.10
N ARG A 17 -4.24 1.23 4.87
CA ARG A 17 -4.73 2.15 5.89
C ARG A 17 -4.97 1.43 7.21
N SER A 18 -5.37 0.17 7.11
CA SER A 18 -5.64 -0.64 8.28
C SER A 18 -4.46 -0.64 9.25
N SER A 19 -3.30 -0.25 8.76
CA SER A 19 -2.09 -0.18 9.58
C SER A 19 -2.32 0.71 10.80
N ALA A 20 -3.45 1.41 10.81
CA ALA A 20 -3.78 2.30 11.92
C ALA A 20 -4.37 1.52 13.09
N LYS A 21 -5.10 0.47 12.76
CA LYS A 21 -5.70 -0.39 13.75
C LYS A 21 -5.32 -1.83 13.47
N LYS A 22 -4.05 -2.08 13.66
CA LYS A 22 -3.48 -3.40 13.45
C LYS A 22 -3.91 -4.39 14.53
N LYS A 23 -4.60 -3.89 15.56
CA LYS A 23 -5.06 -4.73 16.65
C LYS A 23 -6.50 -4.37 17.01
N ARG A 24 -7.37 -4.46 16.03
CA ARG A 24 -8.79 -4.14 16.23
C ARG A 24 -8.96 -2.73 16.77
N PRO A 1 5.53 2.40 -14.41
CA PRO A 1 5.34 3.87 -14.27
C PRO A 1 6.58 4.54 -13.65
N LEU A 2 7.04 4.02 -12.52
CA LEU A 2 8.20 4.56 -11.84
C LEU A 2 9.34 3.52 -11.87
N SER A 3 9.77 3.05 -10.70
CA SER A 3 10.82 2.04 -10.62
C SER A 3 10.40 0.95 -9.64
N ARG A 4 9.43 1.29 -8.80
CA ARG A 4 8.92 0.38 -7.80
C ARG A 4 7.47 0.01 -8.08
N GLY A 5 6.75 0.98 -8.63
CA GLY A 5 5.35 0.79 -8.91
C GLY A 5 4.51 1.21 -7.73
N LYS A 6 4.95 2.27 -7.05
CA LYS A 6 4.23 2.78 -5.89
C LYS A 6 2.82 3.17 -6.23
N LYS A 7 2.54 3.28 -7.54
CA LYS A 7 1.20 3.57 -7.99
C LYS A 7 0.25 2.59 -7.33
N TRP A 8 0.85 1.48 -6.93
CA TRP A 8 0.14 0.41 -6.25
C TRP A 8 -0.13 0.82 -4.83
N THR A 9 0.88 1.43 -4.22
CA THR A 9 0.80 1.90 -2.85
C THR A 9 -0.43 2.75 -2.72
N GLU A 10 -0.79 3.36 -3.82
CA GLU A 10 -1.99 4.16 -3.91
C GLU A 10 -3.16 3.32 -3.43
N LYS A 11 -3.12 2.05 -3.79
CA LYS A 11 -4.13 1.10 -3.41
C LYS A 11 -4.01 0.71 -1.98
N LEU A 12 -2.81 0.75 -1.47
CA LEU A 12 -2.62 0.40 -0.08
C LEU A 12 -2.70 1.66 0.69
N ALA A 13 -2.30 2.72 0.02
CA ALA A 13 -2.47 4.03 0.60
C ALA A 13 -3.95 4.15 0.88
N ARG A 14 -4.73 3.27 0.23
CA ARG A 14 -6.17 3.25 0.41
C ARG A 14 -6.60 1.94 1.07
N PHE A 15 -5.74 0.93 1.05
CA PHE A 15 -6.09 -0.37 1.62
C PHE A 15 -5.15 -0.80 2.73
N GLN A 16 -3.85 -0.59 2.51
CA GLN A 16 -2.76 -0.94 3.42
C GLN A 16 -3.26 -1.50 4.73
N ARG A 17 -4.07 -2.53 4.58
CA ARG A 17 -4.66 -3.24 5.72
C ARG A 17 -3.67 -4.20 6.35
N SER A 18 -2.62 -4.53 5.61
CA SER A 18 -1.60 -5.44 6.11
C SER A 18 -0.67 -4.75 7.09
N SER A 19 -0.98 -3.51 7.44
CA SER A 19 -0.17 -2.75 8.39
C SER A 19 0.02 -3.52 9.69
N ALA A 20 -0.73 -4.61 9.86
CA ALA A 20 -0.63 -5.42 11.07
C ALA A 20 0.80 -5.82 11.36
N LYS A 21 1.56 -6.01 10.29
CA LYS A 21 2.97 -6.42 10.33
C LYS A 21 3.50 -6.44 11.74
N LYS A 22 2.99 -7.40 12.45
CA LYS A 22 3.35 -7.63 13.85
C LYS A 22 4.49 -8.64 13.98
N LYS A 23 4.98 -9.13 12.85
CA LYS A 23 6.06 -10.09 12.84
C LYS A 23 7.08 -9.75 11.76
N ARG A 24 7.60 -8.53 11.84
CA ARG A 24 8.59 -8.06 10.86
C ARG A 24 8.00 -8.07 9.45
N PRO A 1 5.15 3.89 -14.14
CA PRO A 1 5.19 5.32 -13.74
C PRO A 1 6.54 5.70 -13.16
N LEU A 2 7.01 4.94 -12.17
CA LEU A 2 8.29 5.19 -11.54
C LEU A 2 9.26 4.04 -11.83
N SER A 3 9.71 3.33 -10.80
CA SER A 3 10.61 2.20 -10.97
C SER A 3 10.15 1.03 -10.10
N ARG A 4 9.10 1.29 -9.32
CA ARG A 4 8.56 0.30 -8.41
C ARG A 4 7.12 -0.04 -8.75
N GLY A 5 6.41 0.98 -9.18
CA GLY A 5 5.01 0.84 -9.49
C GLY A 5 4.17 1.30 -8.34
N LYS A 6 4.66 2.32 -7.61
CA LYS A 6 3.96 2.87 -6.46
C LYS A 6 2.54 3.25 -6.81
N LYS A 7 2.23 3.31 -8.10
CA LYS A 7 0.88 3.58 -8.54
C LYS A 7 -0.05 2.62 -7.80
N TRP A 8 0.56 1.53 -7.37
CA TRP A 8 -0.12 0.48 -6.60
C TRP A 8 -0.32 0.97 -5.20
N THR A 9 0.69 1.69 -4.70
CA THR A 9 0.68 2.25 -3.37
C THR A 9 -0.59 3.02 -3.20
N GLU A 10 -1.08 3.51 -4.31
CA GLU A 10 -2.33 4.21 -4.36
C GLU A 10 -3.40 3.36 -3.71
N LYS A 11 -3.28 2.06 -3.95
CA LYS A 11 -4.19 1.07 -3.40
C LYS A 11 -3.92 0.84 -1.95
N LEU A 12 -2.68 1.04 -1.57
CA LEU A 12 -2.33 0.84 -0.18
C LEU A 12 -2.43 2.16 0.48
N ALA A 13 -2.21 3.18 -0.30
CA ALA A 13 -2.41 4.50 0.18
C ALA A 13 -3.88 4.55 0.57
N ARG A 14 -4.62 3.53 0.04
CA ARG A 14 -6.03 3.42 0.35
C ARG A 14 -6.33 2.16 1.15
N PHE A 15 -5.37 1.21 1.19
CA PHE A 15 -5.63 -0.04 1.91
C PHE A 15 -4.63 -0.24 3.04
N GLN A 16 -3.38 0.11 2.80
CA GLN A 16 -2.36 0.01 3.82
C GLN A 16 -2.72 0.91 5.01
N ARG A 17 -3.72 1.76 4.81
CA ARG A 17 -4.21 2.68 5.83
C ARG A 17 -4.10 2.10 7.21
N SER A 18 -4.44 0.83 7.30
CA SER A 18 -4.38 0.08 8.56
C SER A 18 -3.12 0.42 9.33
N SER A 19 -2.05 0.60 8.57
CA SER A 19 -0.75 0.92 9.12
C SER A 19 -0.17 2.17 8.47
N ALA A 20 -0.78 2.60 7.37
CA ALA A 20 -0.32 3.78 6.63
C ALA A 20 0.01 4.93 7.56
N LYS A 21 -0.71 4.99 8.67
CA LYS A 21 -0.50 6.02 9.67
C LYS A 21 -0.29 5.37 11.02
N LYS A 22 0.83 4.71 11.10
CA LYS A 22 1.24 4.01 12.31
C LYS A 22 2.52 4.60 12.88
N LYS A 23 3.33 5.19 12.00
CA LYS A 23 4.58 5.80 12.40
C LYS A 23 4.77 7.15 11.69
N ARG A 24 3.81 8.03 11.89
CA ARG A 24 3.84 9.36 11.27
C ARG A 24 3.39 10.43 12.26
N PRO A 1 5.88 4.06 -14.23
CA PRO A 1 6.11 5.43 -13.72
C PRO A 1 7.45 5.56 -12.99
N LEU A 2 7.70 4.64 -12.07
CA LEU A 2 8.94 4.64 -11.31
C LEU A 2 9.70 3.32 -11.54
N SER A 3 9.89 2.52 -10.48
CA SER A 3 10.59 1.25 -10.62
C SER A 3 9.82 0.16 -9.88
N ARG A 4 9.24 0.54 -8.77
CA ARG A 4 8.47 -0.35 -7.94
C ARG A 4 7.02 -0.36 -8.36
N GLY A 5 6.56 0.82 -8.74
CA GLY A 5 5.19 0.99 -9.12
C GLY A 5 4.36 1.37 -7.92
N LYS A 6 4.77 2.43 -7.22
CA LYS A 6 4.01 2.88 -6.04
C LYS A 6 2.58 3.20 -6.41
N LYS A 7 2.32 3.28 -7.71
CA LYS A 7 0.95 3.53 -8.18
C LYS A 7 0.03 2.53 -7.50
N TRP A 8 0.64 1.44 -7.09
CA TRP A 8 -0.04 0.36 -6.37
C TRP A 8 -0.29 0.81 -4.97
N THR A 9 0.72 1.48 -4.41
CA THR A 9 0.67 2.00 -3.07
C THR A 9 -0.60 2.81 -2.93
N GLU A 10 -1.02 3.35 -4.05
CA GLU A 10 -2.25 4.09 -4.13
C GLU A 10 -3.36 3.25 -3.54
N LYS A 11 -3.28 1.96 -3.82
CA LYS A 11 -4.24 0.99 -3.33
C LYS A 11 -4.03 0.71 -1.87
N LEU A 12 -2.81 0.86 -1.43
CA LEU A 12 -2.52 0.62 -0.04
C LEU A 12 -2.61 1.94 0.65
N ALA A 13 -2.35 2.96 -0.13
CA ALA A 13 -2.55 4.28 0.37
C ALA A 13 -4.03 4.36 0.71
N ARG A 14 -4.79 3.40 0.15
CA ARG A 14 -6.21 3.31 0.41
C ARG A 14 -6.55 2.04 1.18
N PHE A 15 -5.64 1.06 1.18
CA PHE A 15 -5.91 -0.21 1.85
C PHE A 15 -4.92 -0.50 2.98
N GLN A 16 -3.67 -0.10 2.78
CA GLN A 16 -2.62 -0.28 3.79
C GLN A 16 -3.16 0.07 5.18
N ARG A 17 -4.20 0.89 5.19
CA ARG A 17 -4.85 1.34 6.41
C ARG A 17 -5.05 0.19 7.39
N SER A 18 -5.63 -0.87 6.89
CA SER A 18 -5.90 -2.06 7.70
C SER A 18 -4.63 -2.84 7.98
N SER A 19 -3.58 -2.53 7.23
CA SER A 19 -2.29 -3.20 7.40
C SER A 19 -1.76 -2.95 8.80
N ALA A 20 -2.42 -2.08 9.54
CA ALA A 20 -2.01 -1.74 10.90
C ALA A 20 -1.99 -2.98 11.78
N LYS A 21 -2.93 -3.87 11.54
CA LYS A 21 -3.01 -5.11 12.29
C LYS A 21 -3.08 -6.27 11.32
N LYS A 22 -1.98 -6.46 10.63
CA LYS A 22 -1.83 -7.53 9.65
C LYS A 22 -0.74 -8.51 10.05
N LYS A 23 0.01 -8.18 11.11
CA LYS A 23 1.07 -9.05 11.59
C LYS A 23 1.04 -9.12 13.11
N ARG A 24 -0.10 -9.54 13.64
CA ARG A 24 -0.27 -9.66 15.09
C ARG A 24 0.18 -11.04 15.56
#